data_7D3A
#
_entry.id   7D3A
#
_cell.length_a   63.969
_cell.length_b   63.969
_cell.length_c   192.262
_cell.angle_alpha   90.000
_cell.angle_beta   90.000
_cell.angle_gamma   90.000
#
_symmetry.space_group_name_H-M   'P 43 21 2'
#
loop_
_entity.id
_entity.type
_entity.pdbx_description
1 polymer Cd1
2 non-polymer 'FLAVIN MONONUCLEOTIDE'
3 non-polymer 5,7-dihydroxy-2-(4-hydroxyphenyl)-4H-chromen-4-one
4 water water
#
_entity_poly.entity_id   1
_entity_poly.type   'polypeptide(L)'
_entity_poly.pdbx_seq_one_letter_code
;(MSE)KILGISGG(MSE)RNGSNDG(MSE)CIEAL(MSE)GAKE(MSE)GAEVEFIQLQNLHIEHCTGCTACVQSVLGGR
GGKCVLKDDFDWLLDK(MSE)LDADGIVFSTPIFEKGATGLFHTITDRFGPR(MSE)DRGNNIIGTKIAEETGGTAPDPR
ILKDKVISF(MSE)SVGGSDWVTRTQCDAG(MSE)LALTP(MSE)WKVIDNEVFPWALSILVEDERVARAHQIGRNIAEA
AKDIEHAQYQGDAGVCPHCHSRNFHLQDGKAICCLCGLEGEIHNEGGKYSFTFPAEQLEHAHDTLSGKFIHGNDIKENTG
KKIAN(MSE)QTEKYKARQAAYRAFITATVPEKG
;
_entity_poly.pdbx_strand_id   A
#
# COMPACT_ATOMS: atom_id res chain seq x y z
N LYS A 2 -9.29 16.57 -8.66
CA LYS A 2 -9.57 15.34 -9.40
C LYS A 2 -9.44 14.13 -8.48
N ILE A 3 -10.53 13.38 -8.33
CA ILE A 3 -10.54 12.14 -7.57
C ILE A 3 -10.59 10.98 -8.56
N LEU A 4 -9.60 10.08 -8.49
CA LEU A 4 -9.51 8.91 -9.36
C LEU A 4 -9.94 7.66 -8.58
N GLY A 5 -10.85 6.89 -9.17
CA GLY A 5 -11.39 5.68 -8.56
C GLY A 5 -10.97 4.47 -9.37
N ILE A 6 -10.50 3.44 -8.67
CA ILE A 6 -9.97 2.24 -9.29
C ILE A 6 -10.68 1.03 -8.71
N SER A 7 -11.15 0.13 -9.58
CA SER A 7 -11.80 -1.10 -9.16
C SER A 7 -10.98 -2.31 -9.58
N GLY A 8 -10.87 -3.28 -8.66
CA GLY A 8 -10.18 -4.52 -8.93
C GLY A 8 -11.11 -5.71 -9.13
N GLY A 9 -12.42 -5.48 -9.16
CA GLY A 9 -13.36 -6.57 -9.31
C GLY A 9 -13.59 -6.91 -10.77
N ARG A 11 -15.68 -6.65 -14.26
CA ARG A 11 -16.41 -5.58 -14.92
C ARG A 11 -17.88 -5.63 -14.53
N ASN A 12 -18.39 -4.51 -14.04
CA ASN A 12 -19.80 -4.35 -13.68
C ASN A 12 -20.15 -5.06 -12.38
N GLY A 13 -19.16 -5.40 -11.57
CA GLY A 13 -19.38 -6.07 -10.31
C GLY A 13 -19.57 -5.12 -9.15
N SER A 14 -19.54 -5.69 -7.94
CA SER A 14 -19.82 -4.91 -6.75
C SER A 14 -18.73 -3.88 -6.48
N ASN A 15 -17.46 -4.25 -6.70
CA ASN A 15 -16.40 -3.28 -6.49
C ASN A 15 -16.52 -2.09 -7.44
N ASP A 16 -16.87 -2.34 -8.70
CA ASP A 16 -17.25 -1.26 -9.63
C ASP A 16 -18.30 -0.34 -9.03
N GLY A 17 -19.41 -0.91 -8.56
CA GLY A 17 -20.48 -0.10 -7.98
C GLY A 17 -20.06 0.66 -6.73
N CYS A 19 -17.03 1.57 -5.91
CA CYS A 19 -16.09 2.61 -6.33
C CYS A 19 -16.79 3.71 -7.12
N ILE A 20 -17.79 3.37 -7.94
CA ILE A 20 -18.51 4.41 -8.66
C ILE A 20 -19.40 5.21 -7.69
N GLU A 21 -20.05 4.53 -6.75
CA GLU A 21 -20.85 5.25 -5.76
C GLU A 21 -19.99 6.27 -5.03
N ALA A 22 -18.72 5.94 -4.76
CA ALA A 22 -17.82 6.87 -4.07
C ALA A 22 -17.46 8.05 -4.96
N LEU A 23 -17.20 7.81 -6.24
CA LEU A 23 -17.03 8.91 -7.18
C LEU A 23 -18.23 9.85 -7.16
N GLY A 25 -20.23 10.48 -4.57
CA GLY A 25 -20.02 11.29 -3.39
C GLY A 25 -18.96 12.35 -3.60
N ALA A 26 -17.91 12.03 -4.36
CA ALA A 26 -16.85 12.99 -4.62
C ALA A 26 -17.32 14.10 -5.55
N LYS A 27 -18.11 13.75 -6.58
CA LYS A 27 -18.69 14.79 -7.43
C LYS A 27 -19.65 15.67 -6.63
N GLU A 28 -20.37 15.07 -5.67
CA GLU A 28 -21.24 15.86 -4.82
C GLU A 28 -20.47 16.93 -4.06
N GLY A 30 -17.98 18.46 -5.36
CA GLY A 30 -17.41 19.35 -6.34
C GLY A 30 -16.12 18.88 -6.99
N ALA A 31 -15.75 17.61 -6.85
CA ALA A 31 -14.57 17.07 -7.50
C ALA A 31 -14.86 16.64 -8.94
N GLU A 32 -13.85 16.75 -9.78
CA GLU A 32 -13.86 16.09 -11.08
C GLU A 32 -13.49 14.62 -10.86
N VAL A 33 -14.11 13.71 -11.63
CA VAL A 33 -13.97 12.28 -11.34
C VAL A 33 -13.58 11.51 -12.61
N GLU A 34 -12.95 10.35 -12.39
CA GLU A 34 -12.48 9.45 -13.43
C GLU A 34 -12.38 8.03 -12.85
N PHE A 35 -12.61 7.02 -13.69
CA PHE A 35 -12.75 5.66 -13.20
C PHE A 35 -11.92 4.73 -14.07
N ILE A 36 -11.12 3.88 -13.43
CA ILE A 36 -10.30 2.89 -14.12
C ILE A 36 -10.69 1.48 -13.65
N GLN A 37 -11.01 0.61 -14.60
CA GLN A 37 -11.35 -0.79 -14.34
C GLN A 37 -10.10 -1.63 -14.63
N LEU A 38 -9.50 -2.22 -13.59
CA LEU A 38 -8.23 -2.94 -13.77
C LEU A 38 -8.34 -4.11 -14.75
N GLN A 39 -9.52 -4.73 -14.88
CA GLN A 39 -9.65 -5.88 -15.78
C GLN A 39 -9.39 -5.49 -17.24
N ASN A 40 -9.45 -4.21 -17.57
CA ASN A 40 -9.08 -3.73 -18.91
C ASN A 40 -7.58 -3.57 -19.09
N LEU A 41 -6.79 -3.60 -18.02
CA LEU A 41 -5.35 -3.32 -18.06
C LEU A 41 -4.55 -4.61 -18.10
N HIS A 42 -3.39 -4.55 -18.74
CA HIS A 42 -2.44 -5.66 -18.75
C HIS A 42 -1.26 -5.28 -17.87
N ILE A 43 -1.10 -5.99 -16.77
CA ILE A 43 -0.08 -5.68 -15.77
C ILE A 43 0.66 -6.96 -15.45
N GLU A 44 1.95 -6.99 -15.75
CA GLU A 44 2.79 -8.15 -15.56
C GLU A 44 3.29 -8.20 -14.12
N HIS A 45 3.57 -9.40 -13.64
CA HIS A 45 4.15 -9.57 -12.31
C HIS A 45 5.52 -8.90 -12.21
N CYS A 46 5.91 -8.57 -10.98
CA CYS A 46 7.24 -8.00 -10.70
C CYS A 46 8.30 -9.10 -10.75
N THR A 47 9.16 -9.07 -11.75
CA THR A 47 10.20 -10.11 -11.81
C THR A 47 11.32 -9.84 -10.79
N ASP A 68 3.15 -3.84 -17.65
CA ASP A 68 3.10 -3.30 -19.03
C ASP A 68 2.12 -2.13 -19.31
N ASP A 69 0.84 -2.26 -18.94
CA ASP A 69 0.02 -1.07 -18.80
C ASP A 69 0.30 -0.31 -17.50
N PHE A 70 1.29 -0.77 -16.73
CA PHE A 70 1.47 -0.25 -15.38
C PHE A 70 1.85 1.22 -15.41
N ASP A 71 2.75 1.60 -16.32
CA ASP A 71 3.21 2.98 -16.38
C ASP A 71 2.04 3.92 -16.70
N TRP A 72 1.17 3.51 -17.62
CA TRP A 72 -0.05 4.26 -17.86
C TRP A 72 -0.85 4.42 -16.57
N LEU A 73 -1.08 3.33 -15.86
CA LEU A 73 -1.86 3.39 -14.62
C LEU A 73 -1.20 4.35 -13.63
N LEU A 74 0.11 4.19 -13.42
CA LEU A 74 0.82 5.03 -12.46
C LEU A 74 0.72 6.50 -12.88
N ASP A 75 0.82 6.77 -14.18
CA ASP A 75 0.68 8.13 -14.65
C ASP A 75 -0.67 8.73 -14.25
N LYS A 76 -1.75 7.93 -14.35
CA LYS A 76 -3.07 8.45 -13.97
C LYS A 76 -3.16 8.73 -12.48
N LEU A 78 -0.71 9.63 -10.65
CA LEU A 78 0.10 10.80 -10.33
C LEU A 78 -0.66 12.10 -10.57
N ASP A 79 -1.52 12.15 -11.59
CA ASP A 79 -2.29 13.37 -11.86
C ASP A 79 -3.46 13.58 -10.91
N ALA A 80 -3.92 12.53 -10.23
CA ALA A 80 -5.04 12.65 -9.30
C ALA A 80 -4.62 13.29 -8.00
N ASP A 81 -5.52 14.06 -7.39
CA ASP A 81 -5.26 14.60 -6.07
C ASP A 81 -5.61 13.61 -4.97
N GLY A 82 -6.59 12.76 -5.21
CA GLY A 82 -6.96 11.72 -4.26
C GLY A 82 -7.43 10.51 -5.05
N ILE A 83 -7.35 9.34 -4.45
CA ILE A 83 -7.69 8.11 -5.10
C ILE A 83 -8.62 7.28 -4.22
N VAL A 84 -9.68 6.71 -4.77
CA VAL A 84 -10.38 5.63 -4.11
C VAL A 84 -10.18 4.31 -4.78
N PHE A 85 -9.80 3.31 -4.03
CA PHE A 85 -9.42 2.06 -4.59
C PHE A 85 -10.29 0.97 -3.98
N SER A 86 -11.11 0.31 -4.77
CA SER A 86 -11.87 -0.81 -4.31
C SER A 86 -11.36 -2.15 -4.80
N THR A 87 -10.91 -3.00 -3.91
CA THR A 87 -10.48 -4.33 -4.28
C THR A 87 -11.37 -5.43 -3.72
N PRO A 88 -11.52 -6.51 -4.46
CA PRO A 88 -12.09 -7.73 -3.88
C PRO A 88 -11.14 -8.35 -2.85
N ILE A 89 -11.70 -9.17 -1.99
CA ILE A 89 -10.93 -9.91 -1.02
C ILE A 89 -10.71 -11.32 -1.55
N PHE A 90 -9.45 -11.72 -1.67
CA PHE A 90 -9.06 -13.08 -2.04
C PHE A 90 -8.22 -13.63 -0.89
N GLU A 91 -8.61 -14.82 -0.40
CA GLU A 91 -7.99 -15.47 0.76
C GLU A 91 -7.65 -14.51 1.89
N LYS A 92 -8.60 -13.68 2.29
CA LYS A 92 -8.51 -12.80 3.45
C LYS A 92 -7.43 -11.76 3.16
N GLY A 93 -7.44 -11.14 1.97
CA GLY A 93 -6.46 -10.10 1.68
C GLY A 93 -6.86 -9.57 0.33
N ALA A 94 -6.04 -8.68 -0.24
CA ALA A 94 -6.35 -8.20 -1.57
C ALA A 94 -5.91 -9.22 -2.63
N THR A 95 -6.33 -8.97 -3.87
CA THR A 95 -6.02 -9.86 -4.98
C THR A 95 -4.53 -9.89 -5.29
N GLY A 96 -4.09 -10.97 -5.91
CA GLY A 96 -2.72 -11.03 -6.38
C GLY A 96 -2.37 -9.82 -7.23
N LEU A 97 -3.32 -9.34 -8.02
CA LEU A 97 -3.09 -8.16 -8.82
C LEU A 97 -2.83 -6.91 -7.96
N PHE A 98 -3.57 -6.75 -6.88
CA PHE A 98 -3.26 -5.68 -5.93
C PHE A 98 -1.82 -5.82 -5.42
N HIS A 99 -1.46 -7.02 -4.97
CA HIS A 99 -0.11 -7.27 -4.49
C HIS A 99 0.93 -6.93 -5.55
N THR A 100 0.70 -7.37 -6.80
CA THR A 100 1.60 -7.03 -7.90
C THR A 100 1.78 -5.53 -8.05
N ILE A 101 0.66 -4.78 -8.08
CA ILE A 101 0.74 -3.32 -8.13
C ILE A 101 1.50 -2.75 -6.94
N THR A 102 1.42 -3.40 -5.76
CA THR A 102 2.23 -2.98 -4.63
C THR A 102 3.70 -3.28 -4.88
N ASP A 103 4.02 -4.49 -5.33
CA ASP A 103 5.39 -4.83 -5.75
C ASP A 103 5.92 -3.79 -6.74
N ARG A 104 5.13 -3.42 -7.73
CA ARG A 104 5.64 -2.58 -8.78
C ARG A 104 5.69 -1.11 -8.40
N PHE A 105 5.25 -0.76 -7.19
CA PHE A 105 5.40 0.61 -6.72
C PHE A 105 6.81 0.88 -6.20
N GLY A 106 7.47 -0.12 -5.63
CA GLY A 106 8.74 0.08 -4.97
C GLY A 106 9.77 0.80 -5.82
N PRO A 107 10.06 0.26 -7.00
CA PRO A 107 11.09 0.87 -7.86
C PRO A 107 10.79 2.29 -8.33
N ARG A 108 9.63 2.85 -7.99
CA ARG A 108 9.19 4.08 -8.65
C ARG A 108 8.54 5.10 -7.72
N ASP A 110 8.67 4.97 -3.92
CA ASP A 110 9.13 5.07 -2.56
C ASP A 110 9.54 6.48 -2.25
N ARG A 111 8.88 7.14 -1.32
CA ARG A 111 9.14 8.54 -1.06
C ARG A 111 10.59 8.81 -0.71
N GLY A 112 11.17 7.98 0.12
CA GLY A 112 12.59 7.98 0.33
C GLY A 112 13.49 8.09 -0.87
N ASN A 113 13.47 7.10 -1.73
CA ASN A 113 14.39 7.09 -2.87
C ASN A 113 14.11 8.22 -3.83
N ASN A 114 12.89 8.72 -3.87
CA ASN A 114 12.65 9.81 -4.81
C ASN A 114 13.12 11.14 -4.23
N ILE A 115 13.01 11.33 -2.91
CA ILE A 115 13.65 12.47 -2.28
C ILE A 115 15.16 12.42 -2.52
N ILE A 116 15.77 11.25 -2.30
CA ILE A 116 17.21 11.10 -2.49
C ILE A 116 17.59 11.29 -3.96
N GLY A 117 16.87 10.62 -4.85
CA GLY A 117 17.21 10.70 -6.26
C GLY A 117 17.00 12.08 -6.84
N THR A 118 16.03 12.82 -6.31
CA THR A 118 15.86 14.20 -6.72
C THR A 118 17.07 15.04 -6.29
N LYS A 119 17.44 14.97 -5.01
CA LYS A 119 18.57 15.76 -4.52
C LYS A 119 19.82 15.48 -5.33
N ILE A 120 20.13 14.19 -5.56
CA ILE A 120 21.33 13.82 -6.30
C ILE A 120 21.29 14.38 -7.72
N ALA A 121 20.12 14.32 -8.35
CA ALA A 121 20.00 14.86 -9.70
C ALA A 121 20.37 16.35 -9.70
N GLU A 122 19.86 17.09 -8.72
CA GLU A 122 20.16 18.52 -8.65
C GLU A 122 21.66 18.75 -8.50
N GLU A 123 22.31 17.96 -7.65
CA GLU A 123 23.67 18.24 -7.24
C GLU A 123 24.71 17.61 -8.15
N THR A 124 24.30 16.86 -9.15
CA THR A 124 25.25 16.32 -10.11
C THR A 124 24.84 16.65 -11.53
N GLY A 125 24.10 17.75 -11.70
CA GLY A 125 23.58 18.08 -13.00
C GLY A 125 22.84 16.94 -13.67
N GLY A 126 22.25 16.04 -12.89
CA GLY A 126 21.34 15.05 -13.45
C GLY A 126 20.07 15.73 -13.94
N THR A 127 19.17 14.93 -14.51
CA THR A 127 17.87 15.41 -14.92
C THR A 127 16.84 15.17 -13.80
N ALA A 128 15.99 16.15 -13.57
CA ALA A 128 15.11 16.12 -12.39
C ALA A 128 13.97 15.12 -12.60
N PRO A 129 13.86 14.07 -11.76
CA PRO A 129 12.78 13.09 -11.95
C PRO A 129 11.42 13.76 -11.90
N ASP A 130 10.41 13.03 -12.35
CA ASP A 130 9.06 13.56 -12.49
C ASP A 130 8.60 14.19 -11.17
N PRO A 131 8.35 15.51 -11.17
CA PRO A 131 7.90 16.17 -9.93
C PRO A 131 6.67 15.53 -9.29
N ARG A 132 5.64 15.18 -10.08
CA ARG A 132 4.41 14.64 -9.50
C ARG A 132 4.70 13.52 -8.50
N ILE A 133 5.78 12.77 -8.75
CA ILE A 133 6.15 11.63 -7.90
C ILE A 133 6.24 12.04 -6.43
N LEU A 134 6.65 13.26 -6.15
CA LEU A 134 6.81 13.71 -4.76
C LEU A 134 5.60 14.49 -4.22
N LYS A 135 4.52 14.63 -4.97
CA LYS A 135 3.41 15.42 -4.46
C LYS A 135 2.66 14.64 -3.39
N ASP A 136 2.37 15.29 -2.27
CA ASP A 136 1.48 14.67 -1.30
C ASP A 136 0.17 14.29 -1.96
N LYS A 137 -0.43 13.22 -1.48
CA LYS A 137 -1.65 12.69 -2.09
C LYS A 137 -2.42 11.89 -1.03
N VAL A 138 -3.75 11.92 -1.14
CA VAL A 138 -4.64 11.18 -0.25
C VAL A 138 -5.27 10.03 -1.02
N ILE A 139 -5.55 8.95 -0.30
CA ILE A 139 -6.03 7.71 -0.88
C ILE A 139 -6.98 7.04 0.10
N SER A 140 -7.99 6.38 -0.44
CA SER A 140 -8.93 5.60 0.35
C SER A 140 -9.18 4.25 -0.30
N PHE A 141 -9.44 3.26 0.54
CA PHE A 141 -9.51 1.86 0.16
C PHE A 141 -10.81 1.29 0.68
N SER A 143 -12.36 -2.75 0.89
CA SER A 143 -12.20 -4.17 0.62
C SER A 143 -13.57 -4.83 0.70
N VAL A 144 -14.00 -5.45 -0.40
CA VAL A 144 -15.32 -6.07 -0.51
C VAL A 144 -15.14 -7.58 -0.64
N GLY A 145 -15.61 -8.34 0.36
CA GLY A 145 -15.49 -9.77 0.38
C GLY A 145 -16.87 -10.42 0.40
N GLY A 146 -16.88 -11.72 0.15
CA GLY A 146 -18.12 -12.48 0.13
C GLY A 146 -18.48 -13.17 1.45
N SER A 147 -17.50 -13.27 2.35
CA SER A 147 -17.77 -13.83 3.68
C SER A 147 -16.87 -13.03 4.60
N ASP A 148 -16.86 -13.41 5.88
CA ASP A 148 -15.93 -12.84 6.85
C ASP A 148 -14.47 -13.29 6.93
N TRP A 149 -13.95 -13.93 5.88
CA TRP A 149 -12.51 -14.19 5.77
C TRP A 149 -11.87 -12.92 5.24
N VAL A 150 -11.62 -11.97 6.15
CA VAL A 150 -11.26 -10.62 5.71
C VAL A 150 -10.17 -10.02 6.59
N THR A 151 -9.44 -10.88 7.32
CA THR A 151 -8.59 -10.40 8.40
C THR A 151 -7.33 -9.71 7.91
N ARG A 152 -6.96 -9.86 6.64
CA ARG A 152 -5.68 -9.36 6.18
C ARG A 152 -5.75 -8.28 5.13
N THR A 153 -6.93 -7.95 4.61
CA THR A 153 -6.95 -7.10 3.43
C THR A 153 -6.68 -5.63 3.77
N GLN A 154 -7.18 -5.15 4.91
CA GLN A 154 -6.87 -3.78 5.34
C GLN A 154 -5.37 -3.54 5.36
N CYS A 155 -4.63 -4.43 6.01
CA CYS A 155 -3.18 -4.29 6.03
C CYS A 155 -2.60 -4.33 4.63
N ASP A 156 -3.09 -5.23 3.78
CA ASP A 156 -2.66 -5.19 2.38
C ASP A 156 -2.87 -3.80 1.80
N ALA A 157 -4.07 -3.23 1.99
CA ALA A 157 -4.35 -1.92 1.42
C ALA A 157 -3.37 -0.87 1.96
N GLY A 158 -3.10 -0.88 3.26
CA GLY A 158 -2.14 0.05 3.82
C GLY A 158 -0.79 -0.01 3.15
N LEU A 160 0.18 -0.56 0.23
CA LEU A 160 0.30 0.20 -1.02
C LEU A 160 0.50 1.68 -0.75
N ALA A 161 -0.19 2.24 0.24
CA ALA A 161 -0.01 3.66 0.53
C ALA A 161 1.31 3.91 1.27
N LEU A 162 1.90 2.88 1.86
CA LEU A 162 3.05 3.11 2.75
C LEU A 162 4.31 3.46 1.96
N THR A 163 4.48 2.87 0.78
CA THR A 163 5.68 3.14 -0.01
C THR A 163 5.80 4.59 -0.43
N PRO A 164 4.77 5.21 -1.02
CA PRO A 164 4.84 6.66 -1.31
C PRO A 164 4.48 7.53 -0.13
N TRP A 166 1.37 7.96 1.01
CA TRP A 166 0.12 8.65 0.76
C TRP A 166 -0.74 8.60 2.01
N LYS A 167 -1.30 9.76 2.36
CA LYS A 167 -2.13 9.87 3.56
C LYS A 167 -3.44 9.11 3.35
N VAL A 168 -3.64 8.07 4.15
CA VAL A 168 -4.84 7.22 4.06
C VAL A 168 -5.99 7.90 4.77
N ILE A 169 -7.13 8.00 4.10
CA ILE A 169 -8.32 8.69 4.65
C ILE A 169 -9.36 7.70 5.18
N ASP A 170 -9.69 6.66 4.40
CA ASP A 170 -10.57 5.58 4.83
C ASP A 170 -10.00 4.26 4.32
N ASN A 171 -10.17 3.18 5.08
CA ASN A 171 -9.63 1.87 4.70
C ASN A 171 -10.63 0.84 5.23
N GLU A 172 -11.79 0.81 4.59
CA GLU A 172 -12.95 0.09 5.09
C GLU A 172 -12.98 -1.35 4.60
N VAL A 173 -13.57 -2.23 5.40
CA VAL A 173 -13.80 -3.62 5.05
C VAL A 173 -15.29 -3.88 5.00
N PHE A 174 -15.71 -4.69 4.03
CA PHE A 174 -17.12 -4.97 3.76
C PHE A 174 -17.27 -6.47 3.61
N PRO A 175 -17.47 -7.20 4.71
CA PRO A 175 -17.70 -8.64 4.64
C PRO A 175 -19.11 -8.95 4.19
N TRP A 176 -19.34 -10.22 3.83
CA TRP A 176 -20.68 -10.68 3.46
C TRP A 176 -21.31 -9.72 2.45
N ALA A 177 -20.59 -9.45 1.37
CA ALA A 177 -20.94 -8.35 0.47
C ALA A 177 -21.28 -8.83 -0.93
N LEU A 178 -21.57 -10.10 -1.12
CA LEU A 178 -21.99 -10.54 -2.46
C LEU A 178 -23.20 -9.76 -2.94
N SER A 179 -24.11 -9.38 -2.04
CA SER A 179 -25.33 -8.68 -2.42
C SER A 179 -25.29 -7.23 -1.95
N ILE A 180 -24.10 -6.66 -1.86
CA ILE A 180 -23.99 -5.37 -1.20
C ILE A 180 -24.74 -4.28 -1.96
N LEU A 181 -24.77 -4.36 -3.29
CA LEU A 181 -25.42 -3.29 -4.04
C LEU A 181 -26.93 -3.21 -3.82
N VAL A 182 -27.55 -4.10 -3.05
CA VAL A 182 -28.95 -3.88 -2.65
C VAL A 182 -29.07 -3.70 -1.14
N GLU A 183 -27.97 -3.40 -0.45
CA GLU A 183 -27.96 -3.04 0.97
C GLU A 183 -27.66 -1.54 1.04
N ASP A 184 -28.73 -0.73 1.15
CA ASP A 184 -28.61 0.71 0.93
C ASP A 184 -27.69 1.38 1.94
N GLU A 185 -27.59 0.85 3.16
CA GLU A 185 -26.80 1.55 4.15
C GLU A 185 -25.31 1.36 3.91
N ARG A 186 -24.91 0.21 3.38
CA ARG A 186 -23.51 0.00 3.03
C ARG A 186 -23.15 0.74 1.74
N VAL A 187 -24.05 0.74 0.76
CA VAL A 187 -23.82 1.57 -0.42
C VAL A 187 -23.62 3.02 0.03
N ALA A 188 -24.33 3.44 1.08
CA ALA A 188 -24.23 4.84 1.52
C ALA A 188 -22.91 5.09 2.21
N ARG A 189 -22.40 4.12 2.95
CA ARG A 189 -21.07 4.26 3.53
C ARG A 189 -20.03 4.53 2.45
N ALA A 190 -20.21 3.92 1.27
CA ALA A 190 -19.27 4.14 0.18
C ALA A 190 -19.45 5.53 -0.43
N HIS A 191 -20.68 6.04 -0.42
CA HIS A 191 -20.89 7.43 -0.83
C HIS A 191 -20.20 8.40 0.12
N GLN A 192 -20.18 8.07 1.41
CA GLN A 192 -19.52 8.91 2.41
C GLN A 192 -18.00 8.83 2.32
N ILE A 193 -17.48 7.67 1.93
CA ILE A 193 -16.06 7.55 1.63
C ILE A 193 -15.70 8.41 0.43
N GLY A 194 -16.58 8.44 -0.58
CA GLY A 194 -16.38 9.38 -1.69
C GLY A 194 -16.30 10.82 -1.22
N ARG A 195 -17.26 11.24 -0.40
CA ARG A 195 -17.23 12.57 0.19
C ARG A 195 -15.90 12.85 0.89
N ASN A 196 -15.57 12.03 1.89
CA ASN A 196 -14.35 12.22 2.65
C ASN A 196 -13.13 12.42 1.75
N ILE A 197 -12.99 11.60 0.69
CA ILE A 197 -11.76 11.64 -0.09
C ILE A 197 -11.69 12.93 -0.89
N ALA A 198 -12.83 13.50 -1.25
CA ALA A 198 -12.81 14.77 -1.97
C ALA A 198 -12.57 15.94 -1.03
N GLU A 199 -13.24 15.94 0.12
CA GLU A 199 -12.97 16.97 1.10
C GLU A 199 -11.49 16.96 1.49
N ALA A 200 -10.92 15.77 1.67
CA ALA A 200 -9.50 15.69 2.06
C ALA A 200 -8.59 16.18 0.95
N ALA A 201 -8.90 15.86 -0.31
CA ALA A 201 -8.11 16.40 -1.41
C ALA A 201 -8.27 17.91 -1.54
N LYS A 202 -9.31 18.53 -0.97
CA LYS A 202 -9.40 19.98 -1.04
C LYS A 202 -8.25 20.64 -0.28
N ASP A 203 -7.66 19.94 0.69
CA ASP A 203 -6.63 20.51 1.54
C ASP A 203 -5.74 19.35 2.05
N ILE A 204 -4.90 18.84 1.15
CA ILE A 204 -4.16 17.60 1.47
C ILE A 204 -3.34 17.76 2.74
N GLU A 205 -2.84 18.96 3.03
CA GLU A 205 -2.02 19.15 4.22
C GLU A 205 -2.81 18.82 5.49
N HIS A 206 -3.90 19.54 5.72
CA HIS A 206 -4.68 19.42 6.94
C HIS A 206 -5.70 18.30 6.89
N ALA A 207 -5.70 17.48 5.84
CA ALA A 207 -6.59 16.32 5.82
C ALA A 207 -6.21 15.37 6.96
N GLN A 208 -7.21 14.75 7.57
CA GLN A 208 -6.98 13.83 8.67
C GLN A 208 -7.71 12.51 8.46
N TYR A 209 -7.08 11.43 8.95
CA TYR A 209 -7.63 10.09 8.81
C TYR A 209 -9.05 10.03 9.38
N GLN A 210 -9.93 9.34 8.67
CA GLN A 210 -11.35 9.28 9.05
C GLN A 210 -11.81 7.89 9.46
N GLY A 211 -10.97 6.86 9.37
CA GLY A 211 -11.41 5.51 9.57
C GLY A 211 -11.28 5.01 11.00
N ASP A 212 -11.42 3.70 11.12
CA ASP A 212 -11.24 3.00 12.39
C ASP A 212 -9.94 3.43 13.08
N ALA A 213 -10.02 3.58 14.41
CA ALA A 213 -8.84 3.94 15.20
C ALA A 213 -7.88 2.78 15.37
N GLY A 214 -8.37 1.55 15.25
CA GLY A 214 -7.56 0.35 15.44
C GLY A 214 -6.73 0.32 16.69
N VAL A 215 -5.70 -0.53 16.69
CA VAL A 215 -4.89 -0.81 17.87
C VAL A 215 -3.53 -0.12 17.81
N CYS A 216 -2.85 -0.21 16.69
CA CYS A 216 -1.59 0.52 16.57
C CYS A 216 -1.92 2.00 16.64
N PRO A 217 -1.53 2.69 17.70
CA PRO A 217 -1.82 4.14 17.78
C PRO A 217 -1.21 4.92 16.64
N HIS A 218 -0.37 4.27 15.84
CA HIS A 218 0.34 4.89 14.74
C HIS A 218 -0.16 4.45 13.37
N CYS A 219 -0.05 3.17 13.07
CA CYS A 219 -0.51 2.51 11.84
C CYS A 219 -2.05 2.67 11.68
N HIS A 220 -2.78 2.63 12.79
CA HIS A 220 -4.17 2.17 12.97
C HIS A 220 -4.43 0.70 12.74
N SER A 221 -3.41 -0.10 12.63
CA SER A 221 -3.57 -1.46 12.20
C SER A 221 -4.14 -2.31 13.28
N ARG A 222 -4.73 -3.41 12.90
CA ARG A 222 -5.13 -4.39 13.91
C ARG A 222 -4.37 -5.70 13.72
N ASN A 223 -3.37 -5.72 12.86
CA ASN A 223 -2.60 -6.92 12.55
C ASN A 223 -1.23 -6.84 13.23
N PHE A 224 -0.87 -7.88 13.96
CA PHE A 224 0.40 -7.87 14.67
C PHE A 224 1.09 -9.21 14.54
N HIS A 225 2.41 -9.15 14.48
CA HIS A 225 3.26 -10.33 14.55
C HIS A 225 3.76 -10.46 15.98
N LEU A 226 3.63 -11.67 16.54
CA LEU A 226 3.76 -11.89 17.98
C LEU A 226 4.88 -12.89 18.29
N GLN A 227 5.93 -12.42 18.95
CA GLN A 227 6.89 -13.36 19.55
C GLN A 227 7.17 -12.93 20.98
N ASP A 228 7.88 -13.79 21.70
CA ASP A 228 8.19 -13.53 23.11
C ASP A 228 8.97 -12.23 23.24
N GLY A 229 8.35 -11.23 23.88
CA GLY A 229 8.97 -9.94 24.13
C GLY A 229 8.82 -8.91 23.03
N LYS A 230 8.12 -9.23 21.95
CA LYS A 230 8.07 -8.30 20.83
C LYS A 230 6.78 -8.55 20.07
N ALA A 231 5.94 -7.51 20.01
CA ALA A 231 4.80 -7.48 19.10
C ALA A 231 5.10 -6.40 18.06
N ILE A 232 4.98 -6.75 16.78
CA ILE A 232 5.32 -5.84 15.70
C ILE A 232 4.04 -5.49 14.92
N CYS A 233 3.82 -4.20 14.71
CA CYS A 233 2.73 -3.77 13.84
C CYS A 233 2.98 -4.30 12.44
N CYS A 234 2.01 -5.02 11.89
CA CYS A 234 2.26 -5.58 10.57
C CYS A 234 2.25 -4.50 9.50
N LEU A 235 1.64 -3.35 9.73
CA LEU A 235 1.67 -2.29 8.73
C LEU A 235 2.90 -1.41 8.89
N CYS A 236 2.97 -0.63 9.99
CA CYS A 236 4.02 0.36 10.21
C CYS A 236 5.31 -0.23 10.79
N GLY A 237 5.23 -1.37 11.45
CA GLY A 237 6.42 -2.05 11.93
C GLY A 237 7.09 -1.52 13.17
N LEU A 238 6.34 -0.94 14.09
CA LEU A 238 6.87 -0.64 15.40
C LEU A 238 6.96 -1.93 16.18
N GLU A 239 8.04 -2.13 16.89
CA GLU A 239 8.11 -3.25 17.81
C GLU A 239 7.79 -2.76 19.21
N GLY A 240 6.85 -3.41 19.88
CA GLY A 240 6.27 -2.88 21.07
C GLY A 240 5.70 -4.00 21.90
N GLU A 241 4.59 -3.76 22.55
CA GLU A 241 3.93 -4.81 23.30
C GLU A 241 2.42 -4.68 23.19
N ILE A 242 1.74 -5.82 23.14
CA ILE A 242 0.28 -5.90 23.03
C ILE A 242 -0.30 -6.25 24.39
N HIS A 243 -1.23 -5.43 24.87
CA HIS A 243 -1.80 -5.57 26.21
C HIS A 243 -3.28 -5.93 26.13
N ASN A 244 -3.69 -6.94 26.89
CA ASN A 244 -5.08 -7.43 26.95
C ASN A 244 -5.69 -6.99 28.27
N GLU A 245 -6.49 -5.93 28.25
CA GLU A 245 -7.13 -5.44 29.47
C GLU A 245 -8.59 -5.86 29.44
N GLY A 246 -8.86 -7.03 30.02
CA GLY A 246 -10.20 -7.57 30.05
C GLY A 246 -10.77 -7.61 28.65
N GLY A 247 -10.05 -8.24 27.72
CA GLY A 247 -10.55 -8.47 26.39
C GLY A 247 -10.38 -7.32 25.42
N LYS A 248 -9.98 -6.13 25.86
CA LYS A 248 -9.65 -5.05 24.96
C LYS A 248 -8.14 -5.00 24.79
N TYR A 249 -7.69 -4.91 23.54
CA TYR A 249 -6.27 -4.92 23.22
C TYR A 249 -5.76 -3.52 22.91
N SER A 250 -4.51 -3.26 23.28
CA SER A 250 -3.87 -2.00 22.91
C SER A 250 -2.39 -2.27 22.62
N PHE A 251 -1.74 -1.28 22.02
CA PHE A 251 -0.35 -1.42 21.57
C PHE A 251 0.45 -0.23 22.08
N THR A 252 1.50 -0.51 22.83
CA THR A 252 2.41 0.50 23.34
C THR A 252 3.80 0.21 22.80
N PHE A 253 4.58 1.27 22.64
CA PHE A 253 5.95 1.14 22.15
C PHE A 253 6.83 2.28 22.66
N PRO A 254 8.10 2.23 22.43
CA PRO A 254 8.96 3.20 23.05
C PRO A 254 9.15 4.28 22.08
N ALA A 255 9.05 5.53 22.47
CA ALA A 255 9.14 6.64 21.55
C ALA A 255 10.39 6.80 20.68
N GLU A 256 11.51 6.17 21.01
CA GLU A 256 12.56 5.95 20.04
C GLU A 256 12.12 5.31 18.71
N GLN A 257 11.21 4.34 18.75
CA GLN A 257 10.79 3.58 17.61
C GLN A 257 10.15 4.38 16.48
N LEU A 258 9.47 5.46 16.80
CA LEU A 258 9.00 6.37 15.78
C LEU A 258 10.05 6.75 14.80
N GLU A 259 11.27 6.80 15.23
CA GLU A 259 12.32 7.12 14.28
C GLU A 259 12.42 6.08 13.19
N HIS A 260 12.01 4.84 13.48
CA HIS A 260 12.19 3.74 12.54
C HIS A 260 10.94 3.34 11.78
N ALA A 261 9.75 3.84 12.18
CA ALA A 261 8.51 3.37 11.57
C ALA A 261 8.62 3.41 10.05
N HIS A 262 8.08 2.37 9.39
CA HIS A 262 8.25 2.20 7.96
C HIS A 262 7.49 3.23 7.13
N ASP A 263 6.57 3.97 7.77
CA ASP A 263 5.79 5.00 7.08
C ASP A 263 6.23 6.40 7.46
N THR A 264 7.51 6.56 7.78
CA THR A 264 8.08 7.86 8.09
C THR A 264 9.34 8.03 7.25
N LEU A 265 9.64 9.28 6.89
CA LEU A 265 10.87 9.55 6.17
C LEU A 265 12.07 9.02 6.92
N SER A 266 12.11 9.25 8.23
CA SER A 266 13.25 8.81 9.02
C SER A 266 13.48 7.31 8.87
N GLY A 267 12.42 6.52 9.08
CA GLY A 267 12.55 5.08 8.99
C GLY A 267 12.85 4.58 7.60
N LYS A 268 12.35 5.28 6.58
CA LYS A 268 12.70 4.89 5.22
C LYS A 268 14.19 5.10 4.96
N PHE A 269 14.73 6.25 5.36
CA PHE A 269 16.14 6.52 5.18
C PHE A 269 17.00 5.45 5.85
N ILE A 270 16.68 5.10 7.10
CA ILE A 270 17.37 3.98 7.76
C ILE A 270 17.26 2.72 6.91
N HIS A 271 16.03 2.36 6.52
CA HIS A 271 15.79 1.17 5.73
C HIS A 271 16.59 1.18 4.44
N GLY A 272 16.53 2.29 3.69
CA GLY A 272 17.32 2.39 2.46
C GLY A 272 18.82 2.35 2.66
N ASN A 273 19.30 2.96 3.75
CA ASN A 273 20.74 2.90 4.01
C ASN A 273 21.20 1.47 4.21
N ASP A 274 20.48 0.70 5.04
CA ASP A 274 20.82 -0.69 5.26
C ASP A 274 20.74 -1.52 3.98
N ILE A 275 19.83 -1.16 3.06
CA ILE A 275 19.79 -1.87 1.78
C ILE A 275 21.06 -1.61 0.97
N LYS A 276 21.50 -0.36 0.95
CA LYS A 276 22.70 -0.05 0.16
C LYS A 276 23.92 -0.72 0.78
N GLU A 277 24.01 -0.72 2.09
CA GLU A 277 25.13 -1.40 2.73
C GLU A 277 25.15 -2.89 2.39
N ASN A 278 24.02 -3.57 2.55
CA ASN A 278 23.97 -5.01 2.36
C ASN A 278 24.03 -5.40 0.90
N THR A 279 23.65 -4.49 0.00
CA THR A 279 23.84 -4.74 -1.42
C THR A 279 25.30 -4.59 -1.82
N GLY A 280 26.07 -3.78 -1.08
CA GLY A 280 27.49 -3.75 -1.32
C GLY A 280 28.17 -5.01 -0.83
N LYS A 281 27.84 -5.44 0.38
CA LYS A 281 28.35 -6.71 0.88
C LYS A 281 28.03 -7.83 -0.09
N LYS A 282 26.79 -7.88 -0.60
CA LYS A 282 26.43 -8.91 -1.57
C LYS A 282 27.35 -8.86 -2.79
N ILE A 283 27.53 -7.67 -3.36
CA ILE A 283 28.31 -7.56 -4.59
C ILE A 283 29.74 -8.02 -4.34
N ALA A 284 30.26 -7.80 -3.14
CA ALA A 284 31.61 -8.28 -2.85
C ALA A 284 31.63 -9.79 -2.64
N ASN A 285 30.67 -10.30 -1.86
CA ASN A 285 30.56 -11.74 -1.66
C ASN A 285 30.47 -12.52 -2.97
N GLN A 287 32.17 -12.19 -5.52
CA GLN A 287 33.47 -12.31 -6.15
C GLN A 287 34.38 -13.25 -5.39
N THR A 288 33.96 -13.72 -4.22
CA THR A 288 34.69 -14.75 -3.49
C THR A 288 34.57 -16.11 -4.18
N GLU A 289 35.41 -17.01 -3.74
CA GLU A 289 35.52 -18.33 -4.27
C GLU A 289 34.49 -19.22 -3.61
N LYS A 290 34.21 -18.98 -2.36
CA LYS A 290 33.10 -19.59 -1.70
C LYS A 290 31.81 -19.43 -2.48
N TYR A 291 31.48 -18.21 -2.86
CA TYR A 291 30.25 -17.98 -3.58
C TYR A 291 30.25 -18.65 -4.96
N LYS A 292 31.28 -18.40 -5.73
CA LYS A 292 31.37 -18.94 -7.08
C LYS A 292 31.31 -20.47 -7.08
N ALA A 293 32.05 -21.11 -6.17
CA ALA A 293 32.06 -22.57 -6.13
C ALA A 293 30.69 -23.12 -5.75
N ARG A 294 30.13 -22.63 -4.65
CA ARG A 294 28.78 -23.06 -4.28
C ARG A 294 27.79 -22.84 -5.43
N GLN A 295 27.85 -21.70 -6.11
CA GLN A 295 26.94 -21.52 -7.24
C GLN A 295 27.23 -22.53 -8.33
N ALA A 296 28.51 -22.79 -8.60
CA ALA A 296 28.84 -23.68 -9.71
C ALA A 296 28.35 -25.10 -9.45
N ALA A 297 28.28 -25.49 -8.18
CA ALA A 297 27.78 -26.82 -7.85
C ALA A 297 26.27 -26.91 -8.02
N TYR A 298 25.55 -25.84 -7.69
CA TYR A 298 24.10 -25.82 -7.88
C TYR A 298 23.73 -26.02 -9.36
N ARG A 299 24.39 -25.30 -10.27
CA ARG A 299 24.09 -25.45 -11.69
C ARG A 299 24.38 -26.88 -12.15
N ALA A 300 25.49 -27.44 -11.68
CA ALA A 300 25.86 -28.82 -12.01
C ALA A 300 24.80 -29.81 -11.53
N PHE A 301 24.24 -29.59 -10.34
CA PHE A 301 23.39 -30.58 -9.71
C PHE A 301 22.08 -30.83 -10.47
N ILE A 302 21.42 -29.77 -10.96
CA ILE A 302 20.06 -29.90 -11.48
C ILE A 302 19.75 -28.74 -12.41
N THR A 303 18.90 -28.99 -13.41
CA THR A 303 18.47 -27.97 -14.35
C THR A 303 16.96 -27.83 -14.32
N ALA A 304 16.48 -26.61 -14.53
CA ALA A 304 15.08 -26.30 -14.29
C ALA A 304 14.20 -26.91 -15.37
N THR A 305 13.13 -27.58 -14.94
CA THR A 305 12.12 -28.09 -15.85
C THR A 305 11.25 -26.96 -16.41
N VAL A 306 11.15 -26.86 -17.70
CA VAL A 306 10.23 -25.95 -18.30
C VAL A 306 9.32 -26.71 -19.23
N PRO A 307 8.17 -26.10 -19.52
CA PRO A 307 7.19 -26.69 -20.43
C PRO A 307 7.66 -26.65 -21.88
N GLU A 308 7.37 -27.62 -22.73
CA GLU A 308 7.95 -27.52 -24.08
C GLU A 308 7.16 -26.63 -24.99
#